data_6L11
#
_entry.id   6L11
#
_cell.length_a   97.915
_cell.length_b   97.915
_cell.length_c   80.718
_cell.angle_alpha   90.000
_cell.angle_beta   90.000
_cell.angle_gamma   120.000
#
_symmetry.space_group_name_H-M   'P 65'
#
loop_
_entity.id
_entity.type
_entity.pdbx_description
1 polymer 'Serine/threonine-protein kinase pim-1'
2 non-polymer 5-(2-chloranylphenoxazin-10-yl)-~{N},~{N}-diethyl-pentan-1-amine
3 water water
#
_entity_poly.entity_id   1
_entity_poly.type   'polypeptide(L)'
_entity_poly.pdbx_seq_one_letter_code
;GPHMKEKEPLESQYQVGPLLGSGGFGSVYSGIRVSDNLPVAIKHVEKDRISDWGELPNGTRVPMEVVLLKKVSSGFSGVI
RLLDWFERPDSFVLILERPEPVQDLFDFITERGALQEELARSFFWQVLEAVRHCHNCGVLHRDIKDENILIDLNRGELKL
IDFGSGALLKDTVYTDFDGTRVYSPPEWIRYHRYHGRSAAVWSLGILLYDMVCGDIPFEHDEEIIRGQVFFRQRVS
(SEP)ECQHLIRWCLALRPSDRPTFEEIQNHPWMQDVLLPQETAEIHLHSLSPGPSK
;
_entity_poly.pdbx_strand_id   A
#
loop_
_chem_comp.id
_chem_comp.type
_chem_comp.name
_chem_comp.formula
E2C non-polymer 5-(2-chloranylphenoxazin-10-yl)-~{N},~{N}-diethyl-pentan-1-amine 'C21 H27 Cl N2 O'
#
# COMPACT_ATOMS: atom_id res chain seq x y z
N PRO A 9 23.97 2.16 19.27
CA PRO A 9 24.44 1.25 18.23
C PRO A 9 23.81 1.45 16.85
N LEU A 10 22.77 2.28 16.72
CA LEU A 10 22.15 2.49 15.39
C LEU A 10 23.15 3.11 14.40
N GLU A 11 23.95 4.07 14.83
CA GLU A 11 24.87 4.75 13.89
C GLU A 11 26.03 3.87 13.52
N SER A 12 26.41 2.97 14.42
CA SER A 12 27.44 1.95 14.14
C SER A 12 27.00 0.88 13.11
N GLN A 13 25.75 0.43 13.19
CA GLN A 13 25.30 -0.72 12.38
C GLN A 13 24.86 -0.37 10.94
N TYR A 14 24.56 0.89 10.70
CA TYR A 14 24.03 1.32 9.40
C TYR A 14 24.77 2.50 8.93
N GLN A 15 25.19 2.43 7.67
CA GLN A 15 25.71 3.58 6.98
C GLN A 15 24.57 4.36 6.29
N VAL A 16 24.35 5.61 6.68
CA VAL A 16 23.27 6.42 6.12
C VAL A 16 23.62 6.97 4.73
N GLY A 17 22.65 6.96 3.83
CA GLY A 17 22.79 7.57 2.52
C GLY A 17 21.85 8.72 2.29
N PRO A 18 21.52 8.97 1.00
CA PRO A 18 20.71 10.11 0.63
C PRO A 18 19.30 10.03 1.24
N LEU A 19 18.66 11.17 1.39
CA LEU A 19 17.25 11.22 1.80
C LEU A 19 16.43 10.76 0.62
N LEU A 20 15.53 9.81 0.85
CA LEU A 20 14.62 9.34 -0.20
C LEU A 20 13.32 10.17 -0.25
N GLY A 21 12.80 10.62 0.87
CA GLY A 21 11.56 11.44 0.87
C GLY A 21 11.17 11.72 2.30
N SER A 22 10.19 12.58 2.46
CA SER A 22 9.73 12.90 3.78
C SER A 22 8.30 13.29 3.62
N GLY A 23 7.50 13.21 4.66
CA GLY A 23 6.10 13.58 4.57
C GLY A 23 5.42 13.19 5.82
N GLY A 24 4.15 12.81 5.74
CA GLY A 24 3.41 12.44 6.96
C GLY A 24 4.02 11.25 7.69
N PHE A 25 4.60 10.33 6.93
CA PHE A 25 5.39 9.16 7.45
C PHE A 25 6.76 9.46 8.14
N GLY A 26 7.18 10.72 8.20
CA GLY A 26 8.54 11.07 8.70
C GLY A 26 9.54 11.36 7.57
N SER A 27 10.80 11.00 7.79
CA SER A 27 11.85 11.15 6.81
C SER A 27 12.51 9.83 6.58
N VAL A 28 12.68 9.47 5.33
CA VAL A 28 13.23 8.16 5.01
C VAL A 28 14.53 8.35 4.25
N TYR A 29 15.57 7.64 4.68
CA TYR A 29 16.92 7.65 4.07
C TYR A 29 17.31 6.30 3.52
N SER A 30 18.12 6.37 2.47
CA SER A 30 18.74 5.22 1.94
C SER A 30 19.82 4.84 2.88
N GLY A 31 20.00 3.53 3.05
CA GLY A 31 20.98 3.00 3.97
C GLY A 31 21.55 1.68 3.58
N ILE A 32 22.69 1.34 4.21
CA ILE A 32 23.37 0.11 4.02
C ILE A 32 23.61 -0.45 5.40
N ARG A 33 23.27 -1.72 5.59
CA ARG A 33 23.60 -2.44 6.82
C ARG A 33 25.06 -2.86 6.73
N VAL A 34 25.87 -2.50 7.73
CA VAL A 34 27.32 -2.67 7.62
C VAL A 34 27.69 -4.14 7.76
N SER A 35 27.02 -4.87 8.66
CA SER A 35 27.05 -6.37 8.74
C SER A 35 27.33 -7.06 7.40
N ASP A 36 26.29 -7.31 6.60
CA ASP A 36 26.41 -7.70 5.18
C ASP A 36 26.09 -6.89 3.95
N ASN A 37 26.13 -5.48 4.02
CA ASN A 37 25.89 -4.55 2.91
C ASN A 37 24.46 -4.64 2.34
N LEU A 38 23.50 -5.15 3.12
CA LEU A 38 22.08 -5.24 2.76
C LEU A 38 21.57 -3.82 2.55
N PRO A 39 20.97 -3.56 1.37
CA PRO A 39 20.32 -2.26 1.21
C PRO A 39 19.11 -2.11 2.17
N VAL A 40 18.99 -0.96 2.81
CA VAL A 40 17.91 -0.72 3.76
C VAL A 40 17.40 0.71 3.56
N ALA A 41 16.28 0.98 4.23
CA ALA A 41 15.66 2.31 4.26
C ALA A 41 15.55 2.59 5.73
N ILE A 42 15.87 3.81 6.12
CA ILE A 42 15.95 4.23 7.51
C ILE A 42 14.96 5.34 7.71
N LYS A 43 13.93 5.09 8.49
CA LYS A 43 12.82 6.01 8.62
C LYS A 43 12.67 6.55 10.01
N HIS A 44 12.62 7.87 10.12
CA HIS A 44 12.67 8.58 11.39
C HIS A 44 11.38 9.23 11.57
N VAL A 45 10.83 9.10 12.77
CA VAL A 45 9.61 9.86 13.12
C VAL A 45 9.75 10.47 14.51
N GLU A 46 9.35 11.73 14.69
CA GLU A 46 9.51 12.41 15.97
C GLU A 46 8.40 11.94 16.88
N LYS A 47 8.68 11.76 18.16
CA LYS A 47 7.65 11.23 19.07
C LYS A 47 6.37 12.02 19.18
N ASP A 48 6.46 13.33 19.08
CA ASP A 48 5.28 14.19 19.30
C ASP A 48 4.45 14.22 18.10
N ARG A 49 4.98 13.75 16.98
CA ARG A 49 4.14 13.56 15.83
C ARG A 49 3.53 12.16 15.75
N ILE A 50 3.63 11.35 16.80
CA ILE A 50 2.96 10.04 16.85
C ILE A 50 1.64 10.16 17.64
N SER A 51 0.49 10.02 16.97
CA SER A 51 -0.82 9.94 17.66
C SER A 51 -1.17 8.51 18.08
N ASP A 52 -0.67 7.52 17.34
CA ASP A 52 -1.05 6.11 17.57
C ASP A 52 -0.02 5.20 18.17
N TRP A 53 -0.31 4.71 19.38
CA TRP A 53 0.58 3.92 20.17
C TRP A 53 -0.03 2.55 20.46
N GLY A 54 0.82 1.54 20.60
CA GLY A 54 0.42 0.19 21.03
C GLY A 54 1.55 -0.40 21.87
N GLU A 55 1.60 -1.73 21.99
CA GLU A 55 2.58 -2.41 22.89
C GLU A 55 3.15 -3.75 22.38
N LEU A 56 4.37 -4.12 22.85
CA LEU A 56 5.07 -5.35 22.38
C LEU A 56 4.71 -6.68 23.13
N PRO A 57 5.24 -7.86 22.68
CA PRO A 57 5.29 -9.08 23.50
C PRO A 57 5.87 -8.78 24.88
N ASN A 58 7.13 -8.33 24.95
CA ASN A 58 7.68 -7.81 26.21
C ASN A 58 6.99 -6.53 26.75
N GLY A 59 6.06 -5.95 25.98
CA GLY A 59 5.21 -4.86 26.47
C GLY A 59 5.89 -3.53 26.79
N THR A 60 6.67 -2.96 25.84
CA THR A 60 7.08 -1.54 25.94
C THR A 60 6.21 -0.68 25.05
N ARG A 61 6.19 0.62 25.36
CA ARG A 61 5.43 1.61 24.62
C ARG A 61 6.07 1.87 23.23
N VAL A 62 5.41 1.46 22.14
CA VAL A 62 5.93 1.74 20.76
C VAL A 62 4.87 2.38 19.86
N PRO A 63 5.31 3.03 18.75
CA PRO A 63 4.30 3.40 17.73
C PRO A 63 3.52 2.17 17.16
N MET A 64 2.25 2.39 16.89
CA MET A 64 1.38 1.35 16.34
C MET A 64 2.00 0.83 15.02
N GLU A 65 2.67 1.69 14.27
CA GLU A 65 3.29 1.29 13.02
C GLU A 65 4.22 0.08 13.27
N VAL A 66 5.01 0.11 14.36
CA VAL A 66 5.90 -0.99 14.73
C VAL A 66 5.11 -2.28 15.03
N VAL A 67 4.01 -2.17 15.75
CA VAL A 67 3.16 -3.37 16.06
C VAL A 67 2.62 -4.00 14.77
N LEU A 68 2.08 -3.13 13.93
CA LEU A 68 1.49 -3.55 12.66
C LEU A 68 2.60 -4.15 11.80
N LEU A 69 3.76 -3.47 11.64
CA LEU A 69 4.84 -4.03 10.81
C LEU A 69 5.33 -5.34 11.31
N LYS A 70 5.53 -5.49 12.63
CA LYS A 70 5.94 -6.78 13.19
C LYS A 70 4.99 -7.89 12.80
N LYS A 71 3.69 -7.61 12.93
CA LYS A 71 2.66 -8.59 12.62
C LYS A 71 2.72 -9.05 11.17
N VAL A 72 3.11 -8.18 10.22
CA VAL A 72 3.18 -8.60 8.80
C VAL A 72 4.55 -8.97 8.27
N SER A 73 5.60 -8.79 9.05
CA SER A 73 6.96 -8.95 8.52
C SER A 73 7.48 -10.39 8.74
N SER A 74 6.66 -11.33 9.23
CA SER A 74 7.13 -12.71 9.42
C SER A 74 6.93 -13.50 8.14
N GLY A 75 7.94 -14.26 7.73
CA GLY A 75 7.93 -14.91 6.41
C GLY A 75 8.05 -13.90 5.26
N PHE A 76 7.94 -14.43 4.05
CA PHE A 76 8.03 -13.64 2.83
C PHE A 76 6.64 -13.11 2.53
N SER A 77 6.60 -11.92 1.95
CA SER A 77 5.35 -11.45 1.38
C SER A 77 5.63 -10.25 0.47
N GLY A 78 4.55 -9.72 -0.13
CA GLY A 78 4.54 -8.48 -0.87
C GLY A 78 4.57 -7.24 0.07
N VAL A 79 5.06 -7.36 1.33
CA VAL A 79 5.17 -6.21 2.24
C VAL A 79 6.66 -5.84 2.49
N ILE A 80 7.02 -4.56 2.46
CA ILE A 80 8.34 -4.19 2.96
C ILE A 80 8.42 -4.45 4.48
N ARG A 81 9.37 -5.31 4.85
CA ARG A 81 9.49 -5.84 6.17
C ARG A 81 10.30 -4.92 7.06
N LEU A 82 9.91 -4.91 8.32
CA LEU A 82 10.62 -4.23 9.39
C LEU A 82 11.75 -5.13 9.80
N LEU A 83 12.98 -4.69 9.60
CA LEU A 83 14.16 -5.44 9.97
C LEU A 83 14.57 -5.10 11.43
N ASP A 84 14.42 -3.87 11.89
CA ASP A 84 14.84 -3.53 13.25
C ASP A 84 14.22 -2.21 13.52
N TRP A 85 14.27 -1.79 14.78
CA TRP A 85 13.87 -0.49 15.15
C TRP A 85 14.68 -0.02 16.37
N PHE A 86 14.71 1.30 16.55
CA PHE A 86 15.46 1.98 17.63
C PHE A 86 14.62 3.09 18.19
N GLU A 87 14.68 3.28 19.49
CA GLU A 87 14.09 4.44 20.09
C GLU A 87 15.21 5.43 20.31
N ARG A 88 14.92 6.71 20.10
CA ARG A 88 15.80 7.78 20.54
C ARG A 88 15.01 8.62 21.51
N PRO A 89 15.66 9.62 22.15
CA PRO A 89 14.92 10.44 23.09
C PRO A 89 13.74 11.12 22.49
N ASP A 90 13.90 11.63 21.25
CA ASP A 90 12.81 12.37 20.64
C ASP A 90 12.22 11.74 19.39
N SER A 91 12.60 10.53 19.06
CA SER A 91 12.16 9.96 17.80
C SER A 91 12.28 8.45 17.86
N PHE A 92 11.57 7.78 16.95
CA PHE A 92 11.80 6.34 16.68
C PHE A 92 12.37 6.22 15.29
N VAL A 93 13.22 5.24 15.13
CA VAL A 93 13.89 4.98 13.91
C VAL A 93 13.63 3.50 13.52
N LEU A 94 13.22 3.28 12.28
CA LEU A 94 12.81 1.95 11.77
C LEU A 94 13.69 1.63 10.60
N ILE A 95 14.14 0.39 10.55
CA ILE A 95 14.99 -0.08 9.51
C ILE A 95 14.11 -1.02 8.70
N LEU A 96 14.01 -0.74 7.39
CA LEU A 96 13.09 -1.43 6.51
C LEU A 96 13.88 -1.97 5.34
N GLU A 97 13.30 -2.97 4.71
CA GLU A 97 13.88 -3.45 3.45
C GLU A 97 13.89 -2.36 2.43
N ARG A 98 14.89 -2.43 1.56
CA ARG A 98 14.99 -1.54 0.43
C ARG A 98 15.37 -2.32 -0.80
N PRO A 99 14.43 -2.44 -1.77
CA PRO A 99 14.79 -3.11 -3.06
C PRO A 99 15.64 -2.17 -3.84
N GLU A 100 16.45 -2.74 -4.71
CA GLU A 100 17.39 -1.96 -5.51
C GLU A 100 17.60 -2.72 -6.82
N PRO A 101 17.38 -2.12 -8.01
CA PRO A 101 16.72 -0.84 -8.20
C PRO A 101 15.20 -0.89 -7.89
N VAL A 102 14.63 0.27 -7.60
CA VAL A 102 13.24 0.37 -7.13
C VAL A 102 12.66 1.65 -7.69
N GLN A 103 11.33 1.64 -7.92
CA GLN A 103 10.58 2.88 -8.23
C GLN A 103 9.18 2.67 -7.66
N ASP A 104 8.62 3.69 -7.09
CA ASP A 104 7.26 3.62 -6.57
C ASP A 104 6.30 3.70 -7.74
N LEU A 105 5.09 3.20 -7.49
CA LEU A 105 4.16 3.08 -8.58
C LEU A 105 3.62 4.43 -9.07
N PHE A 106 3.49 5.38 -8.15
CA PHE A 106 3.12 6.78 -8.52
C PHE A 106 4.09 7.36 -9.58
N ASP A 107 5.37 7.20 -9.31
CA ASP A 107 6.42 7.69 -10.24
C ASP A 107 6.44 6.92 -11.51
N PHE A 108 6.26 5.61 -11.40
CA PHE A 108 6.22 4.78 -12.54
C PHE A 108 5.09 5.19 -13.49
N ILE A 109 3.90 5.40 -12.94
CA ILE A 109 2.75 5.79 -13.75
C ILE A 109 2.91 7.24 -14.27
N THR A 110 3.40 8.15 -13.44
CA THR A 110 3.73 9.50 -13.93
C THR A 110 4.66 9.45 -15.17
N GLU A 111 5.74 8.70 -15.07
CA GLU A 111 6.69 8.56 -16.17
C GLU A 111 6.19 7.81 -17.36
N ARG A 112 5.53 6.69 -17.15
CA ARG A 112 5.16 5.86 -18.26
C ARG A 112 3.70 5.96 -18.76
N GLY A 113 2.84 6.69 -18.06
CA GLY A 113 1.44 6.87 -18.46
C GLY A 113 0.63 5.66 -18.01
N ALA A 114 -0.59 5.57 -18.53
CA ALA A 114 -1.48 4.41 -18.27
C ALA A 114 -0.82 3.08 -18.58
N LEU A 115 -1.01 2.08 -17.72
CA LEU A 115 -0.38 0.75 -17.90
C LEU A 115 -1.20 -0.08 -18.87
N GLN A 116 -0.55 -0.79 -19.81
CA GLN A 116 -1.14 -1.90 -20.52
C GLN A 116 -1.85 -2.85 -19.54
N GLU A 117 -2.96 -3.45 -19.97
CA GLU A 117 -3.75 -4.31 -19.06
C GLU A 117 -3.03 -5.54 -18.55
N GLU A 118 -2.15 -6.10 -19.37
CA GLU A 118 -1.38 -7.22 -18.94
C GLU A 118 -0.48 -6.88 -17.73
N LEU A 119 0.10 -5.67 -17.77
CA LEU A 119 0.93 -5.17 -16.70
C LEU A 119 0.12 -4.78 -15.45
N ALA A 120 -0.96 -4.01 -15.66
CA ALA A 120 -1.93 -3.72 -14.57
C ALA A 120 -2.42 -5.02 -13.90
N ARG A 121 -2.67 -6.05 -14.69
CA ARG A 121 -3.17 -7.29 -14.16
C ARG A 121 -2.16 -7.92 -13.18
N SER A 122 -0.91 -8.06 -13.65
CA SER A 122 0.19 -8.56 -12.82
C SER A 122 0.35 -7.76 -11.53
N PHE A 123 0.47 -6.43 -11.67
CA PHE A 123 0.60 -5.50 -10.54
C PHE A 123 -0.59 -5.58 -9.57
N PHE A 124 -1.79 -5.49 -10.11
CA PHE A 124 -2.97 -5.50 -9.26
C PHE A 124 -3.11 -6.81 -8.48
N TRP A 125 -2.78 -7.90 -9.14
CA TRP A 125 -2.75 -9.22 -8.50
C TRP A 125 -1.81 -9.29 -7.32
N GLN A 126 -0.58 -8.82 -7.52
CA GLN A 126 0.39 -8.78 -6.45
C GLN A 126 -0.07 -7.87 -5.34
N VAL A 127 -0.75 -6.79 -5.68
CA VAL A 127 -1.28 -5.97 -4.56
C VAL A 127 -2.31 -6.76 -3.75
N LEU A 128 -3.26 -7.36 -4.46
CA LEU A 128 -4.26 -8.17 -3.82
C LEU A 128 -3.65 -9.28 -2.90
N GLU A 129 -2.64 -9.96 -3.40
CA GLU A 129 -1.90 -10.95 -2.57
C GLU A 129 -1.30 -10.33 -1.30
N ALA A 130 -0.66 -9.16 -1.43
CA ALA A 130 -0.13 -8.45 -0.27
C ALA A 130 -1.16 -7.98 0.73
N VAL A 131 -2.29 -7.48 0.22
CA VAL A 131 -3.34 -6.98 1.10
C VAL A 131 -3.99 -8.19 1.81
N ARG A 132 -4.11 -9.33 1.10
CA ARG A 132 -4.69 -10.53 1.76
C ARG A 132 -3.76 -10.97 2.86
N HIS A 133 -2.46 -10.91 2.56
CA HIS A 133 -1.47 -11.19 3.61
C HIS A 133 -1.60 -10.36 4.90
N CYS A 134 -1.70 -9.05 4.71
CA CYS A 134 -1.87 -8.15 5.84
C CYS A 134 -3.10 -8.61 6.61
N HIS A 135 -4.31 -8.79 5.84
CA HIS A 135 -5.55 -9.28 6.44
C HIS A 135 -5.55 -10.50 7.21
N ASN A 136 -4.78 -11.47 6.73
CA ASN A 136 -4.44 -12.67 7.46
C ASN A 136 -3.60 -12.50 8.68
N CYS A 137 -2.71 -11.55 8.64
CA CYS A 137 -1.89 -11.20 9.80
C CYS A 137 -2.64 -10.36 10.87
N GLY A 138 -3.87 -9.97 10.61
CA GLY A 138 -4.65 -9.14 11.56
C GLY A 138 -4.37 -7.67 11.38
N VAL A 139 -3.81 -7.27 10.22
CA VAL A 139 -3.52 -5.83 9.91
C VAL A 139 -4.34 -5.23 8.77
N LEU A 140 -4.94 -4.06 9.04
CA LEU A 140 -5.63 -3.25 8.04
C LEU A 140 -4.76 -2.05 7.61
N HIS A 141 -4.38 -1.98 6.33
CA HIS A 141 -3.46 -0.94 5.83
C HIS A 141 -4.06 0.48 5.88
N ARG A 142 -5.24 0.67 5.30
CA ARG A 142 -5.97 1.92 5.30
C ARG A 142 -5.40 3.07 4.45
N ASP A 143 -4.41 2.84 3.64
CA ASP A 143 -3.88 3.87 2.71
C ASP A 143 -3.27 3.27 1.47
N ILE A 144 -4.01 2.31 0.90
CA ILE A 144 -3.54 1.60 -0.28
C ILE A 144 -3.59 2.59 -1.42
N LYS A 145 -2.48 2.79 -2.14
CA LYS A 145 -2.46 3.73 -3.25
C LYS A 145 -1.10 3.60 -3.96
N ASP A 146 -1.00 4.18 -5.16
CA ASP A 146 0.18 4.13 -6.01
C ASP A 146 1.46 4.49 -5.27
N GLU A 147 1.45 5.57 -4.51
CA GLU A 147 2.64 6.05 -3.77
C GLU A 147 3.08 5.09 -2.67
N ASN A 148 2.18 4.22 -2.21
CA ASN A 148 2.55 3.22 -1.21
C ASN A 148 2.90 1.85 -1.70
N ILE A 149 3.26 1.77 -2.99
CA ILE A 149 3.64 0.51 -3.61
C ILE A 149 4.96 0.74 -4.30
N LEU A 150 5.92 -0.09 -3.97
CA LEU A 150 7.20 -0.08 -4.58
C LEU A 150 7.30 -1.24 -5.55
N ILE A 151 8.02 -0.99 -6.62
CA ILE A 151 8.30 -1.97 -7.62
C ILE A 151 9.80 -2.32 -7.60
N ASP A 152 10.07 -3.58 -7.35
CA ASP A 152 11.41 -4.14 -7.56
C ASP A 152 11.45 -4.38 -9.06
N LEU A 153 12.15 -3.47 -9.72
CA LEU A 153 12.27 -3.42 -11.16
C LEU A 153 12.96 -4.64 -11.85
N ASN A 154 13.91 -5.24 -11.17
CA ASN A 154 14.57 -6.47 -11.65
C ASN A 154 13.72 -7.70 -11.53
N ARG A 155 13.05 -7.88 -10.38
CA ARG A 155 12.19 -9.08 -10.15
C ARG A 155 10.69 -8.95 -10.56
N GLY A 156 10.25 -7.72 -10.82
CA GLY A 156 8.84 -7.44 -11.21
C GLY A 156 7.88 -7.59 -10.03
N GLU A 157 8.43 -7.44 -8.82
CA GLU A 157 7.77 -7.74 -7.57
C GLU A 157 7.35 -6.42 -6.87
N LEU A 158 6.10 -6.37 -6.39
CA LEU A 158 5.53 -5.17 -5.78
C LEU A 158 5.57 -5.33 -4.28
N LYS A 159 5.78 -4.23 -3.55
CA LYS A 159 5.98 -4.27 -2.12
C LYS A 159 5.24 -3.09 -1.46
N LEU A 160 4.40 -3.40 -0.48
CA LEU A 160 3.55 -2.38 0.15
C LEU A 160 4.38 -1.66 1.17
N ILE A 161 4.25 -0.35 1.22
CA ILE A 161 4.86 0.45 2.29
C ILE A 161 3.86 1.33 3.03
N ASP A 162 4.33 1.87 4.13
CA ASP A 162 3.59 2.90 4.89
C ASP A 162 2.30 2.41 5.56
N PHE A 163 2.54 1.74 6.67
CA PHE A 163 1.55 1.36 7.64
C PHE A 163 1.20 2.42 8.68
N GLY A 164 1.57 3.67 8.42
CA GLY A 164 1.39 4.74 9.40
C GLY A 164 -0.04 5.17 9.65
N SER A 165 -0.98 4.88 8.74
CA SER A 165 -2.42 5.11 8.95
C SER A 165 -3.19 3.82 9.16
N GLY A 166 -2.49 2.71 9.39
CA GLY A 166 -3.13 1.38 9.47
C GLY A 166 -3.74 1.10 10.83
N ALA A 167 -4.33 -0.06 11.04
CA ALA A 167 -4.91 -0.42 12.34
C ALA A 167 -5.00 -1.92 12.42
N LEU A 168 -5.31 -2.41 13.62
CA LEU A 168 -5.59 -3.81 13.79
C LEU A 168 -6.88 -4.04 13.01
N LEU A 169 -6.90 -5.10 12.23
CA LEU A 169 -8.14 -5.52 11.56
C LEU A 169 -9.18 -5.95 12.61
N LYS A 170 -10.41 -5.51 12.47
CA LYS A 170 -11.52 -5.93 13.32
C LYS A 170 -12.76 -5.98 12.45
N ASP A 171 -13.86 -6.53 12.99
CA ASP A 171 -15.13 -6.69 12.27
C ASP A 171 -16.18 -5.63 12.61
N THR A 172 -15.86 -4.78 13.58
CA THR A 172 -16.74 -3.68 13.99
C THR A 172 -16.38 -2.44 13.18
N VAL A 173 -17.12 -1.38 13.40
CA VAL A 173 -17.01 -0.18 12.55
C VAL A 173 -15.79 0.67 12.90
N TYR A 174 -15.17 1.32 11.91
CA TYR A 174 -14.05 2.26 12.14
C TYR A 174 -14.72 3.61 11.98
N THR A 175 -14.45 4.53 12.90
CA THR A 175 -14.92 5.88 12.81
C THR A 175 -13.78 6.92 12.80
N ASP A 176 -12.54 6.49 12.60
CA ASP A 176 -11.41 7.38 12.38
C ASP A 176 -10.80 6.97 11.04
N PHE A 177 -10.21 7.94 10.33
CA PHE A 177 -9.44 7.67 9.11
C PHE A 177 -8.44 8.80 8.88
N ASP A 178 -7.22 8.45 8.61
CA ASP A 178 -6.21 9.40 8.32
C ASP A 178 -5.39 8.89 7.13
N GLY A 179 -6.04 8.12 6.26
CA GLY A 179 -5.44 7.73 4.98
C GLY A 179 -5.67 8.84 3.96
N THR A 180 -5.63 8.47 2.70
CA THR A 180 -5.76 9.45 1.61
C THR A 180 -7.19 9.60 1.18
N ARG A 181 -7.64 10.85 1.14
CA ARG A 181 -9.02 11.17 0.97
C ARG A 181 -9.64 10.67 -0.34
N VAL A 182 -8.96 10.93 -1.46
CA VAL A 182 -9.43 10.56 -2.80
C VAL A 182 -9.47 9.09 -3.04
N TYR A 183 -8.96 8.28 -2.08
CA TYR A 183 -9.04 6.82 -2.15
C TYR A 183 -10.04 6.32 -1.09
N SER A 184 -10.71 7.25 -0.39
CA SER A 184 -11.56 6.89 0.75
C SER A 184 -12.99 6.70 0.24
N PRO A 185 -13.74 5.80 0.91
CA PRO A 185 -14.98 5.37 0.32
C PRO A 185 -16.08 6.34 0.61
N PRO A 186 -17.19 6.24 -0.15
CA PRO A 186 -18.29 7.21 0.03
C PRO A 186 -18.91 7.17 1.46
N GLU A 187 -18.97 5.98 2.05
CA GLU A 187 -19.49 5.82 3.42
C GLU A 187 -18.69 6.62 4.44
N TRP A 188 -17.39 6.78 4.20
CA TRP A 188 -16.54 7.59 5.09
C TRP A 188 -16.89 9.08 4.89
N ILE A 189 -16.90 9.50 3.61
CA ILE A 189 -17.24 10.84 3.20
C ILE A 189 -18.58 11.22 3.83
N ARG A 190 -19.57 10.36 3.76
CA ARG A 190 -20.90 10.71 4.24
C ARG A 190 -21.17 10.50 5.72
N TYR A 191 -20.71 9.41 6.29
CA TYR A 191 -21.03 9.08 7.70
C TYR A 191 -19.90 9.00 8.67
N HIS A 192 -18.68 9.21 8.20
CA HIS A 192 -17.50 8.91 8.99
C HIS A 192 -17.57 7.51 9.62
N ARG A 193 -18.02 6.53 8.84
CA ARG A 193 -18.11 5.15 9.24
C ARG A 193 -17.69 4.23 8.05
N TYR A 194 -16.87 3.19 8.31
CA TYR A 194 -16.58 2.16 7.27
C TYR A 194 -16.16 0.93 7.98
N HIS A 195 -16.27 -0.20 7.31
CA HIS A 195 -15.64 -1.44 7.81
C HIS A 195 -14.46 -1.68 6.95
N GLY A 196 -13.56 -2.50 7.46
CA GLY A 196 -12.17 -2.55 6.96
C GLY A 196 -12.01 -3.03 5.56
N ARG A 197 -12.50 -4.23 5.35
CA ARG A 197 -12.37 -4.93 4.11
C ARG A 197 -13.05 -4.27 2.97
N SER A 198 -14.32 -3.92 3.17
CA SER A 198 -14.99 -3.27 2.07
C SER A 198 -14.43 -1.84 1.74
N ALA A 199 -13.92 -1.13 2.72
CA ALA A 199 -13.22 0.18 2.43
C ALA A 199 -11.92 -0.15 1.66
N ALA A 200 -11.24 -1.24 2.05
CA ALA A 200 -10.06 -1.66 1.33
C ALA A 200 -10.39 -1.95 -0.16
N VAL A 201 -11.52 -2.59 -0.42
CA VAL A 201 -11.90 -2.98 -1.79
C VAL A 201 -12.15 -1.70 -2.58
N TRP A 202 -12.82 -0.71 -1.97
CA TRP A 202 -13.02 0.58 -2.66
C TRP A 202 -11.66 1.20 -3.09
N SER A 203 -10.73 1.29 -2.14
CA SER A 203 -9.39 1.82 -2.44
C SER A 203 -8.73 1.08 -3.58
N LEU A 204 -8.98 -0.22 -3.64
CA LEU A 204 -8.41 -1.09 -4.67
C LEU A 204 -9.07 -0.80 -6.03
N GLY A 205 -10.33 -0.43 -6.02
CA GLY A 205 -10.97 -0.01 -7.28
C GLY A 205 -10.30 1.28 -7.79
N ILE A 206 -10.07 2.21 -6.87
CA ILE A 206 -9.41 3.51 -7.24
C ILE A 206 -8.04 3.23 -7.83
N LEU A 207 -7.31 2.35 -7.17
CA LEU A 207 -5.95 1.99 -7.64
C LEU A 207 -5.97 1.33 -9.01
N LEU A 208 -6.94 0.44 -9.26
CA LEU A 208 -6.97 -0.25 -10.51
C LEU A 208 -7.28 0.76 -11.65
N TYR A 209 -8.26 1.62 -11.45
CA TYR A 209 -8.56 2.71 -12.36
C TYR A 209 -7.28 3.55 -12.61
N ASP A 210 -6.63 3.94 -11.54
CA ASP A 210 -5.39 4.68 -11.66
C ASP A 210 -4.34 3.98 -12.56
N MET A 211 -4.21 2.68 -12.38
CA MET A 211 -3.35 1.89 -13.17
C MET A 211 -3.68 1.90 -14.67
N VAL A 212 -4.89 1.62 -15.03
CA VAL A 212 -5.30 1.51 -16.42
C VAL A 212 -5.64 2.81 -17.09
N CYS A 213 -5.85 3.86 -16.31
CA CYS A 213 -6.19 5.17 -16.90
C CYS A 213 -5.08 6.18 -16.73
N GLY A 214 -4.17 5.95 -15.79
CA GLY A 214 -3.05 6.85 -15.58
C GLY A 214 -3.36 7.99 -14.68
N ASP A 215 -4.58 8.04 -14.12
CA ASP A 215 -4.97 9.03 -13.12
C ASP A 215 -6.13 8.44 -12.27
N ILE A 216 -6.43 9.05 -11.14
CA ILE A 216 -7.51 8.60 -10.28
C ILE A 216 -8.87 9.12 -10.81
N PRO A 217 -9.96 8.42 -10.42
CA PRO A 217 -11.22 8.73 -11.07
C PRO A 217 -11.93 9.90 -10.46
N PHE A 218 -11.65 10.20 -9.20
CA PHE A 218 -12.47 11.16 -8.50
C PHE A 218 -11.53 12.12 -7.87
N GLU A 219 -11.88 13.39 -7.93
CA GLU A 219 -11.13 14.39 -7.17
C GLU A 219 -11.87 14.96 -6.01
N HIS A 220 -13.14 15.30 -6.19
CA HIS A 220 -13.91 16.03 -5.18
C HIS A 220 -14.83 15.06 -4.45
N ASP A 221 -15.13 15.37 -3.21
CA ASP A 221 -16.10 14.60 -2.43
C ASP A 221 -17.41 14.23 -3.17
N GLU A 222 -17.93 15.12 -3.99
CA GLU A 222 -19.28 14.90 -4.60
C GLU A 222 -19.19 13.90 -5.71
N GLU A 223 -18.00 13.81 -6.32
CA GLU A 223 -17.77 12.76 -7.31
C GLU A 223 -17.70 11.42 -6.62
N ILE A 224 -17.08 11.37 -5.44
CA ILE A 224 -16.91 10.09 -4.67
C ILE A 224 -18.27 9.55 -4.35
N ILE A 225 -19.11 10.47 -3.86
CA ILE A 225 -20.47 10.11 -3.42
C ILE A 225 -21.38 9.79 -4.59
N ARG A 226 -21.20 10.51 -5.71
CA ARG A 226 -21.92 10.17 -6.92
C ARG A 226 -21.52 8.78 -7.45
N GLY A 227 -20.23 8.44 -7.32
CA GLY A 227 -19.77 7.11 -7.73
C GLY A 227 -19.90 6.77 -9.21
N GLN A 228 -20.08 7.75 -10.11
CA GLN A 228 -20.15 7.43 -11.53
C GLN A 228 -18.76 7.47 -12.11
N VAL A 229 -18.39 6.39 -12.77
CA VAL A 229 -17.02 6.25 -13.25
C VAL A 229 -16.98 6.54 -14.73
N PHE A 230 -16.12 7.46 -15.19
CA PHE A 230 -15.89 7.71 -16.63
C PHE A 230 -14.47 7.39 -16.99
N PHE A 231 -14.32 6.69 -18.12
CA PHE A 231 -13.03 6.33 -18.70
C PHE A 231 -12.57 7.32 -19.75
N ARG A 232 -11.40 7.87 -19.50
CA ARG A 232 -10.71 8.82 -20.38
C ARG A 232 -9.85 8.05 -21.41
N GLN A 233 -9.64 6.76 -21.14
CA GLN A 233 -8.72 5.92 -21.87
C GLN A 233 -9.44 4.61 -22.29
N ARG A 234 -8.96 3.95 -23.33
CA ARG A 234 -9.55 2.73 -23.79
C ARG A 234 -9.26 1.64 -22.77
N VAL A 235 -10.30 1.06 -22.18
CA VAL A 235 -10.15 0.02 -21.15
C VAL A 235 -11.19 -1.03 -21.50
N SER A 236 -10.86 -2.31 -21.40
CA SER A 236 -11.75 -3.43 -21.79
C SER A 236 -13.03 -3.56 -20.92
N SEP A 237 -14.09 -4.07 -21.47
CA SEP A 237 -15.27 -4.23 -20.80
CB SEP A 237 -16.21 -4.90 -21.80
OG SEP A 237 -16.32 -4.18 -23.02
C SEP A 237 -15.00 -5.03 -19.57
O SEP A 237 -15.64 -4.68 -18.58
P SEP A 237 -15.83 -4.70 -24.47
O1P SEP A 237 -16.53 -6.00 -24.62
O2P SEP A 237 -16.25 -3.70 -25.48
O3P SEP A 237 -14.34 -4.79 -24.29
N GLU A 238 -14.09 -6.00 -19.56
CA GLU A 238 -13.97 -6.81 -18.36
C GLU A 238 -13.30 -6.00 -17.24
N CYS A 239 -12.29 -5.21 -17.57
CA CYS A 239 -11.59 -4.38 -16.57
C CYS A 239 -12.52 -3.29 -16.05
N GLN A 240 -13.26 -2.63 -16.95
CA GLN A 240 -14.26 -1.66 -16.54
C GLN A 240 -15.25 -2.23 -15.56
N HIS A 241 -15.68 -3.48 -15.78
CA HIS A 241 -16.69 -4.08 -14.93
C HIS A 241 -16.13 -4.34 -13.51
N LEU A 242 -14.91 -4.88 -13.45
CA LEU A 242 -14.26 -5.09 -12.16
C LEU A 242 -14.10 -3.78 -11.36
N ILE A 243 -13.68 -2.74 -12.04
CA ILE A 243 -13.47 -1.46 -11.42
C ILE A 243 -14.82 -0.98 -10.84
N ARG A 244 -15.86 -1.00 -11.66
CA ARG A 244 -17.20 -0.47 -11.20
C ARG A 244 -17.79 -1.31 -10.11
N TRP A 245 -17.46 -2.59 -10.13
CA TRP A 245 -17.77 -3.45 -8.99
C TRP A 245 -17.08 -3.08 -7.66
N CYS A 246 -15.75 -2.96 -7.70
CA CYS A 246 -14.99 -2.48 -6.51
C CYS A 246 -15.49 -1.14 -5.96
N LEU A 247 -15.94 -0.31 -6.90
CA LEU A 247 -16.44 1.01 -6.59
C LEU A 247 -17.97 1.07 -6.45
N ALA A 248 -18.63 -0.02 -6.14
CA ALA A 248 -20.01 0.05 -5.67
C ALA A 248 -20.19 0.96 -4.47
N LEU A 249 -21.21 1.80 -4.57
CA LEU A 249 -21.49 2.80 -3.53
C LEU A 249 -21.87 2.14 -2.21
N ARG A 250 -22.70 1.11 -2.30
CA ARG A 250 -23.02 0.31 -1.15
C ARG A 250 -21.88 -0.65 -0.82
N PRO A 251 -21.30 -0.54 0.38
CA PRO A 251 -20.20 -1.48 0.71
C PRO A 251 -20.52 -2.95 0.48
N SER A 252 -21.77 -3.35 0.77
CA SER A 252 -22.18 -4.71 0.59
C SER A 252 -22.31 -5.17 -0.88
N ASP A 253 -22.37 -4.25 -1.86
CA ASP A 253 -22.37 -4.58 -3.30
C ASP A 253 -20.95 -4.76 -3.91
N ARG A 254 -19.90 -4.52 -3.10
CA ARG A 254 -18.49 -4.64 -3.53
C ARG A 254 -18.07 -6.09 -3.50
N PRO A 255 -17.12 -6.48 -4.35
CA PRO A 255 -16.69 -7.87 -4.27
C PRO A 255 -15.77 -8.14 -3.06
N THR A 256 -15.68 -9.42 -2.67
CA THR A 256 -14.71 -9.90 -1.64
C THR A 256 -13.41 -10.08 -2.40
N PHE A 257 -12.32 -10.27 -1.67
CA PHE A 257 -11.02 -10.50 -2.34
C PHE A 257 -11.11 -11.72 -3.25
N GLU A 258 -11.79 -12.77 -2.81
CA GLU A 258 -11.96 -13.97 -3.58
C GLU A 258 -12.65 -13.68 -4.90
N GLU A 259 -13.73 -12.95 -4.83
CA GLU A 259 -14.48 -12.56 -6.04
C GLU A 259 -13.67 -11.68 -6.99
N ILE A 260 -12.91 -10.72 -6.44
CA ILE A 260 -11.97 -9.96 -7.31
C ILE A 260 -11.02 -10.97 -8.00
N GLN A 261 -10.39 -11.85 -7.23
CA GLN A 261 -9.37 -12.74 -7.80
C GLN A 261 -9.88 -13.83 -8.74
N ASN A 262 -11.17 -14.13 -8.62
CA ASN A 262 -11.87 -15.01 -9.55
C ASN A 262 -12.54 -14.27 -10.71
N HIS A 263 -12.46 -12.95 -10.78
CA HIS A 263 -13.09 -12.18 -11.83
C HIS A 263 -12.41 -12.58 -13.18
N PRO A 264 -13.14 -12.59 -14.29
CA PRO A 264 -12.44 -13.00 -15.53
C PRO A 264 -11.30 -12.09 -16.03
N TRP A 265 -11.34 -10.81 -15.68
CA TRP A 265 -10.22 -9.95 -15.97
C TRP A 265 -8.89 -10.35 -15.33
N MET A 266 -8.97 -10.97 -14.17
CA MET A 266 -7.88 -11.39 -13.34
C MET A 266 -7.25 -12.74 -13.79
N GLN A 267 -7.80 -13.46 -14.76
CA GLN A 267 -7.27 -14.81 -15.18
C GLN A 267 -5.96 -14.72 -15.97
N ASP A 268 -5.10 -15.73 -15.86
CA ASP A 268 -3.84 -15.85 -16.65
C ASP A 268 -2.84 -14.76 -16.27
N VAL A 269 -2.67 -14.45 -15.01
CA VAL A 269 -1.71 -13.41 -14.62
C VAL A 269 -0.28 -13.86 -14.89
N LEU A 270 0.55 -12.94 -15.33
CA LEU A 270 1.96 -13.20 -15.49
C LEU A 270 2.59 -13.31 -14.12
N LEU A 271 3.60 -14.17 -14.01
CA LEU A 271 4.38 -14.23 -12.77
C LEU A 271 5.23 -12.96 -12.68
N PRO A 272 5.74 -12.65 -11.47
CA PRO A 272 6.51 -11.42 -11.36
C PRO A 272 7.68 -11.36 -12.34
N GLN A 273 8.48 -12.42 -12.42
CA GLN A 273 9.72 -12.37 -13.25
C GLN A 273 9.41 -12.12 -14.74
N GLU A 274 8.41 -12.82 -15.23
CA GLU A 274 7.96 -12.62 -16.60
C GLU A 274 7.49 -11.17 -16.84
N THR A 275 6.78 -10.64 -15.85
CA THR A 275 6.33 -9.28 -15.90
C THR A 275 7.53 -8.36 -16.07
N ALA A 276 8.63 -8.60 -15.34
CA ALA A 276 9.77 -7.72 -15.47
C ALA A 276 10.47 -7.86 -16.85
N GLU A 277 10.60 -9.09 -17.33
CA GLU A 277 11.23 -9.34 -18.67
C GLU A 277 10.50 -8.60 -19.78
N ILE A 278 9.17 -8.71 -19.74
CA ILE A 278 8.27 -8.15 -20.76
C ILE A 278 8.19 -6.67 -20.64
N HIS A 279 7.94 -6.17 -19.43
CA HIS A 279 7.57 -4.77 -19.27
C HIS A 279 8.55 -3.88 -18.62
N LEU A 280 9.50 -4.44 -17.92
CA LEU A 280 10.36 -3.63 -17.11
C LEU A 280 11.85 -3.66 -17.57
N HIS A 281 12.32 -4.72 -18.22
CA HIS A 281 13.59 -4.67 -19.02
C HIS A 281 13.24 -4.33 -20.46
CAA E2C B . 6.21 10.08 -3.38
CAK E2C B . 7.34 9.11 -3.81
NAX E2C B . 8.74 9.50 -3.56
CAL E2C B . 9.24 10.74 -4.17
CAB E2C B . 10.81 10.70 -4.34
CAP E2C B . 8.92 9.72 -2.06
CAN E2C B . 9.48 8.44 -1.40
CAM E2C B . 8.48 7.83 -0.43
CAO E2C B . 8.80 6.32 -0.20
CAQ E2C B . 9.79 6.11 0.90
NAY E2C B . 9.46 4.77 1.62
CAW E2C B . 10.29 3.75 1.40
CAJ E2C B . 11.18 3.74 0.34
CAS E2C B . 11.99 2.63 0.25
CLC E2C B . 13.04 2.49 -1.09
CAF E2C B . 12.00 1.59 1.13
CAI E2C B . 11.20 1.63 2.17
CAU E2C B . 10.34 2.69 2.29
OAR E2C B . 9.50 2.67 3.38
CAT E2C B . 8.59 3.67 3.59
CAV E2C B . 8.59 4.73 2.67
CAH E2C B . 7.64 5.74 2.92
CAE E2C B . 6.79 5.66 4.04
CAD E2C B . 6.81 4.60 4.95
CAG E2C B . 7.72 3.59 4.69
#